data_5BWO
#
_entry.id   5BWO
#
_cell.length_a   43.445
_cell.length_b   54.636
_cell.length_c   113.203
_cell.angle_alpha   90.00
_cell.angle_beta   90.00
_cell.angle_gamma   90.00
#
_symmetry.space_group_name_H-M   'P 21 21 21'
#
loop_
_entity.id
_entity.type
_entity.pdbx_description
1 polymer 'Palmitoyl H3K9 Peptide'
2 polymer 'NAD-dependent protein deacetylase sirtuin-3, mitochondrial'
3 non-polymer 'PALMITIC ACID'
4 non-polymer 'ZINC ION'
5 water water
#
loop_
_entity_poly.entity_id
_entity_poly.type
_entity_poly.pdbx_seq_one_letter_code
_entity_poly.pdbx_strand_id
1 'polypeptide(L)' QTARKSTGGW B
2 'polypeptide(L)'
;MASMTGGQQMGRGSHHHHHHENLYFQGSDKGKLSLQDVAELIRARACQRVVVMVGAGISTPSGIPDFRSPGSGLYSNLQQ
YDLPYPEAIFELPFFFHNPKPFFTLAKELYPGNYKPNVTHYFLRLLHDKGLLLRLYTQNIDGLERVSGIPASKLVEAHGT
FASATCTVCQRPFPGEDIRADVMADRVPRCPVCTGVVKPDIVFFGEPLPQRFLLHVVDFPMADLLLILGTSLEVEPFASL
TEAVRSSVPRLLINRDLVGPLAWHPRSRDVAQLGDVVHGVESLVELLGWTEEMRDLVQRETGKLDGPDK
;
A
#
# COMPACT_ATOMS: atom_id res chain seq x y z
N THR A 2 13.66 5.77 19.03
CA THR A 2 14.27 4.58 18.37
C THR A 2 13.16 3.58 18.04
N ALA A 3 12.13 4.07 17.33
CA ALA A 3 10.97 3.26 16.96
C ALA A 3 9.92 4.13 16.28
N ARG A 4 8.95 3.50 15.63
CA ARG A 4 7.74 4.18 15.18
C ARG A 4 6.79 3.20 14.49
N LYS A 5 7.25 2.57 13.42
CA LYS A 5 6.43 1.59 12.69
C LYS A 5 6.09 0.50 13.69
N SER A 6 4.79 0.26 13.88
CA SER A 6 4.32 -0.71 14.85
C SER A 6 3.04 -1.42 14.40
N THR A 7 2.91 -2.68 14.82
CA THR A 7 1.69 -3.45 14.61
C THR A 7 1.38 -4.23 15.87
N GLY A 8 0.10 -4.52 16.07
CA GLY A 8 -0.32 -5.21 17.27
C GLY A 8 0.51 -6.41 17.66
N GLY A 9 1.54 -6.18 18.49
CA GLY A 9 2.42 -7.25 18.92
C GLY A 9 3.76 -6.74 19.42
N TRP A 10 4.38 -5.87 18.64
CA TRP A 10 5.60 -5.17 19.05
C TRP A 10 5.38 -3.66 18.96
N GLY B 31 -30.05 12.44 6.73
CA GLY B 31 -29.29 12.83 5.55
C GLY B 31 -27.94 12.15 5.46
N LYS B 32 -27.77 11.07 6.22
CA LYS B 32 -26.52 10.30 6.15
C LYS B 32 -26.21 9.92 4.71
N LEU B 33 -24.92 9.84 4.41
CA LEU B 33 -24.47 9.63 3.04
C LEU B 33 -24.42 8.15 2.70
N SER B 34 -24.77 7.83 1.46
CA SER B 34 -24.64 6.50 0.90
C SER B 34 -23.51 6.50 -0.13
N LEU B 35 -23.22 5.31 -0.66
CA LEU B 35 -22.20 5.21 -1.70
C LEU B 35 -22.60 6.04 -2.92
N GLN B 36 -23.88 6.05 -3.26
CA GLN B 36 -24.33 6.81 -4.42
C GLN B 36 -24.13 8.31 -4.22
N ASP B 37 -24.43 8.81 -3.01
CA ASP B 37 -24.22 10.22 -2.73
C ASP B 37 -22.76 10.61 -2.97
N VAL B 38 -21.83 9.82 -2.44
CA VAL B 38 -20.41 10.08 -2.67
C VAL B 38 -20.12 10.08 -4.17
N ALA B 39 -20.66 9.10 -4.89
CA ALA B 39 -20.50 9.10 -6.34
C ALA B 39 -21.03 10.39 -6.95
N GLU B 40 -22.14 10.91 -6.43
CA GLU B 40 -22.70 12.15 -6.96
C GLU B 40 -21.80 13.35 -6.69
N LEU B 41 -21.03 13.31 -5.61
CA LEU B 41 -20.18 14.44 -5.27
C LEU B 41 -18.95 14.53 -6.16
N ILE B 42 -18.46 13.40 -6.66
CA ILE B 42 -17.35 13.44 -7.62
C ILE B 42 -17.84 13.94 -8.98
N ARG B 43 -18.88 13.30 -9.51
CA ARG B 43 -19.42 13.71 -10.81
C ARG B 43 -19.92 15.14 -10.77
N ALA B 44 -20.42 15.60 -9.62
CA ALA B 44 -20.81 16.98 -9.45
C ALA B 44 -19.63 17.92 -9.22
N ARG B 45 -18.43 17.37 -9.05
CA ARG B 45 -17.20 18.13 -8.85
C ARG B 45 -17.19 18.88 -7.52
N ALA B 46 -18.02 18.46 -6.56
CA ALA B 46 -17.92 18.98 -5.20
C ALA B 46 -16.78 18.34 -4.42
N CYS B 47 -16.20 17.25 -4.93
CA CYS B 47 -15.01 16.63 -4.35
C CYS B 47 -13.97 16.54 -5.47
N GLN B 48 -12.98 17.42 -5.43
CA GLN B 48 -11.95 17.46 -6.45
C GLN B 48 -10.55 17.13 -5.93
N ARG B 49 -10.38 16.99 -4.62
CA ARG B 49 -9.09 16.73 -3.99
C ARG B 49 -9.20 15.43 -3.19
N VAL B 50 -9.18 14.32 -3.90
CA VAL B 50 -9.41 13.01 -3.30
C VAL B 50 -8.07 12.44 -2.83
N VAL B 51 -8.00 12.11 -1.55
CA VAL B 51 -6.84 11.42 -0.97
C VAL B 51 -7.26 9.98 -0.68
N VAL B 52 -6.32 9.05 -0.85
CA VAL B 52 -6.63 7.63 -0.83
C VAL B 52 -5.63 6.92 0.08
N MET B 53 -6.13 6.05 0.94
CA MET B 53 -5.32 5.17 1.77
C MET B 53 -5.59 3.73 1.35
N VAL B 54 -4.52 2.97 1.10
CA VAL B 54 -4.64 1.60 0.62
C VAL B 54 -3.75 0.69 1.45
N GLY B 55 -4.15 -0.58 1.52
CA GLY B 55 -3.39 -1.59 2.22
C GLY B 55 -3.40 -2.91 1.46
N ALA B 56 -3.01 -4.00 2.13
CA ALA B 56 -2.89 -5.29 1.46
C ALA B 56 -4.19 -5.75 0.83
N GLY B 57 -5.34 -5.24 1.29
CA GLY B 57 -6.62 -5.68 0.75
C GLY B 57 -6.74 -5.45 -0.75
N ILE B 58 -6.13 -4.38 -1.26
CA ILE B 58 -6.19 -4.08 -2.69
C ILE B 58 -5.13 -4.83 -3.48
N SER B 59 -4.23 -5.55 -2.80
CA SER B 59 -3.20 -6.33 -3.46
C SER B 59 -3.49 -7.82 -3.45
N THR B 60 -4.37 -8.28 -2.56
CA THR B 60 -4.77 -9.68 -2.56
C THR B 60 -5.35 -10.12 -3.90
N PRO B 61 -6.23 -9.35 -4.56
CA PRO B 61 -6.80 -9.82 -5.83
C PRO B 61 -5.76 -10.06 -6.92
N SER B 62 -4.61 -9.38 -6.85
CA SER B 62 -3.55 -9.59 -7.83
C SER B 62 -2.73 -10.85 -7.58
N GLY B 63 -3.09 -11.65 -6.58
CA GLY B 63 -2.36 -12.87 -6.28
C GLY B 63 -1.20 -12.67 -5.32
N ILE B 64 -1.08 -11.51 -4.69
CA ILE B 64 0.05 -11.22 -3.82
C ILE B 64 -0.13 -11.96 -2.50
N PRO B 65 0.91 -12.62 -1.99
CA PRO B 65 0.74 -13.38 -0.74
C PRO B 65 0.57 -12.47 0.47
N ASP B 66 -0.20 -12.98 1.44
CA ASP B 66 -0.36 -12.36 2.74
C ASP B 66 -0.24 -13.43 3.80
N PHE B 67 0.19 -13.03 5.00
CA PHE B 67 0.35 -14.01 6.08
C PHE B 67 -0.99 -14.27 6.78
N ARG B 68 -1.51 -13.26 7.48
CA ARG B 68 -2.78 -13.40 8.18
C ARG B 68 -3.88 -13.76 7.19
N SER B 69 -3.77 -14.96 6.62
CA SER B 69 -4.51 -15.48 5.47
C SER B 69 -3.49 -16.21 4.60
N PRO B 70 -3.27 -17.52 4.82
CA PRO B 70 -2.13 -18.21 4.20
C PRO B 70 -1.94 -17.94 2.71
N GLY B 71 -0.75 -18.24 2.20
CA GLY B 71 -0.42 -18.01 0.80
C GLY B 71 -0.08 -19.28 0.05
N SER B 72 0.83 -19.17 -0.92
CA SER B 72 1.20 -20.30 -1.76
C SER B 72 2.00 -21.33 -0.98
N GLY B 73 2.77 -22.17 -1.67
CA GLY B 73 3.71 -23.03 -0.99
C GLY B 73 4.90 -22.27 -0.45
N LEU B 74 5.27 -21.16 -1.10
CA LEU B 74 6.29 -20.27 -0.56
C LEU B 74 5.86 -19.65 0.76
N TYR B 75 4.56 -19.63 1.05
CA TYR B 75 4.07 -19.17 2.34
C TYR B 75 4.80 -19.91 3.45
N SER B 76 4.55 -21.22 3.57
CA SER B 76 5.28 -22.05 4.52
C SER B 76 6.63 -22.47 3.92
N ASN B 77 7.44 -21.46 3.58
CA ASN B 77 8.86 -21.66 3.38
C ASN B 77 9.67 -21.32 4.63
N LEU B 78 8.98 -20.90 5.70
CA LEU B 78 9.61 -20.71 7.01
C LEU B 78 10.46 -21.91 7.41
N GLN B 79 10.16 -23.09 6.86
CA GLN B 79 10.97 -24.26 7.12
C GLN B 79 12.45 -23.93 6.95
N GLN B 80 13.24 -24.37 7.94
CA GLN B 80 14.67 -24.08 8.03
C GLN B 80 14.90 -22.75 8.74
N TYR B 81 13.87 -21.91 8.83
CA TYR B 81 13.99 -20.59 9.42
C TYR B 81 13.22 -20.57 10.73
N ASP B 82 13.95 -20.38 11.84
CA ASP B 82 13.36 -20.42 13.18
C ASP B 82 13.00 -19.00 13.61
N LEU B 83 11.92 -18.49 13.02
CA LEU B 83 11.40 -17.20 13.41
C LEU B 83 10.84 -17.28 14.83
N PRO B 84 11.06 -16.25 15.66
CA PRO B 84 10.33 -16.19 16.93
C PRO B 84 8.87 -15.85 16.76
N TYR B 85 8.51 -15.24 15.63
CA TYR B 85 7.14 -14.88 15.29
C TYR B 85 7.15 -14.29 13.89
N PRO B 86 6.07 -14.41 13.13
CA PRO B 86 6.15 -14.07 11.70
C PRO B 86 6.57 -12.64 11.43
N GLU B 87 6.28 -11.70 12.34
CA GLU B 87 6.62 -10.31 12.10
C GLU B 87 8.12 -10.06 12.16
N ALA B 88 8.89 -10.96 12.77
CA ALA B 88 10.33 -10.81 12.80
C ALA B 88 10.92 -10.69 11.40
N ILE B 89 10.20 -11.13 10.37
CA ILE B 89 10.66 -10.96 9.00
C ILE B 89 10.89 -9.48 8.69
N PHE B 90 10.18 -8.59 9.37
CA PHE B 90 10.34 -7.16 9.18
C PHE B 90 10.84 -6.50 10.46
N GLU B 91 11.89 -7.06 11.05
CA GLU B 91 12.52 -6.50 12.23
C GLU B 91 14.03 -6.64 12.10
N LEU B 92 14.75 -5.53 12.28
CA LEU B 92 16.20 -5.54 12.06
C LEU B 92 16.93 -6.54 12.93
N PRO B 93 16.68 -6.62 14.24
CA PRO B 93 17.49 -7.54 15.08
C PRO B 93 17.55 -8.95 14.52
N PHE B 94 16.42 -9.51 14.09
CA PHE B 94 16.45 -10.82 13.46
C PHE B 94 17.03 -10.76 12.06
N PHE B 95 16.80 -9.66 11.33
CA PHE B 95 17.35 -9.54 9.99
C PHE B 95 18.88 -9.66 10.01
N PHE B 96 19.52 -8.99 10.97
CA PHE B 96 20.96 -9.18 11.17
C PHE B 96 21.28 -10.65 11.43
N HIS B 97 20.53 -11.28 12.33
CA HIS B 97 20.75 -12.69 12.63
C HIS B 97 20.64 -13.55 11.37
N ASN B 98 19.54 -13.43 10.65
CA ASN B 98 19.30 -14.22 9.45
C ASN B 98 18.43 -13.42 8.50
N PRO B 99 19.02 -12.83 7.45
CA PRO B 99 18.23 -12.05 6.49
C PRO B 99 17.59 -12.87 5.40
N LYS B 100 17.88 -14.16 5.29
CA LYS B 100 17.34 -14.94 4.18
C LYS B 100 15.82 -15.04 4.20
N PRO B 101 15.15 -15.18 5.34
CA PRO B 101 13.68 -15.15 5.33
C PRO B 101 13.11 -13.93 4.64
N PHE B 102 13.65 -12.74 4.92
CA PHE B 102 13.16 -11.54 4.25
C PHE B 102 13.37 -11.63 2.75
N PHE B 103 14.58 -11.96 2.32
CA PHE B 103 14.87 -11.98 0.89
C PHE B 103 14.12 -13.11 0.17
N THR B 104 13.65 -14.12 0.89
CA THR B 104 12.74 -15.08 0.28
C THR B 104 11.41 -14.42 -0.06
N LEU B 105 10.87 -13.61 0.87
CA LEU B 105 9.67 -12.85 0.59
C LEU B 105 9.93 -11.78 -0.46
N ALA B 106 11.09 -11.12 -0.39
CA ALA B 106 11.43 -10.08 -1.36
C ALA B 106 11.41 -10.62 -2.78
N LYS B 107 11.98 -11.81 -2.98
CA LYS B 107 11.95 -12.43 -4.30
C LYS B 107 10.52 -12.56 -4.82
N GLU B 108 9.59 -12.93 -3.93
CA GLU B 108 8.21 -13.15 -4.35
C GLU B 108 7.52 -11.83 -4.69
N LEU B 109 7.66 -10.84 -3.82
CA LEU B 109 6.96 -9.56 -3.96
C LEU B 109 7.70 -8.57 -4.84
N TYR B 110 8.76 -8.98 -5.51
CA TYR B 110 9.57 -8.01 -6.23
C TYR B 110 8.79 -7.49 -7.44
N PRO B 111 8.69 -6.17 -7.64
CA PRO B 111 7.88 -5.63 -8.74
C PRO B 111 8.21 -6.24 -10.09
N GLY B 112 7.34 -7.13 -10.58
CA GLY B 112 7.55 -7.71 -11.90
C GLY B 112 6.82 -9.03 -12.10
N ASN B 113 6.58 -9.76 -11.01
CA ASN B 113 5.93 -11.07 -11.09
C ASN B 113 4.42 -10.99 -10.98
N TYR B 114 3.86 -9.84 -10.61
CA TYR B 114 2.42 -9.68 -10.45
C TYR B 114 1.95 -8.43 -11.18
N LYS B 115 0.69 -8.45 -11.61
CA LYS B 115 0.12 -7.36 -12.39
C LYS B 115 -0.97 -6.65 -11.60
N PRO B 116 -1.15 -5.35 -11.80
CA PRO B 116 -2.22 -4.63 -11.09
C PRO B 116 -3.59 -5.19 -11.39
N ASN B 117 -4.53 -4.94 -10.48
CA ASN B 117 -5.91 -5.36 -10.62
C ASN B 117 -6.79 -4.13 -10.80
N VAL B 118 -8.11 -4.34 -10.73
CA VAL B 118 -9.04 -3.28 -11.08
C VAL B 118 -8.99 -2.14 -10.06
N THR B 119 -8.65 -2.44 -8.81
CA THR B 119 -8.56 -1.37 -7.81
C THR B 119 -7.42 -0.42 -8.11
N HIS B 120 -6.27 -0.96 -8.52
CA HIS B 120 -5.14 -0.10 -8.89
C HIS B 120 -5.50 0.80 -10.06
N TYR B 121 -6.20 0.26 -11.07
CA TYR B 121 -6.55 1.05 -12.24
C TYR B 121 -7.66 2.04 -11.93
N PHE B 122 -8.52 1.74 -10.96
CA PHE B 122 -9.49 2.73 -10.50
C PHE B 122 -8.79 3.95 -9.93
N LEU B 123 -7.61 3.79 -9.36
CA LEU B 123 -6.90 4.91 -8.77
C LEU B 123 -6.11 5.69 -9.81
N ARG B 124 -5.61 5.04 -10.85
CA ARG B 124 -5.03 5.79 -11.96
C ARG B 124 -6.11 6.55 -12.73
N LEU B 125 -7.24 5.89 -13.00
CA LEU B 125 -8.35 6.59 -13.64
C LEU B 125 -8.75 7.82 -12.84
N LEU B 126 -8.69 7.71 -11.51
CA LEU B 126 -8.91 8.88 -10.66
C LEU B 126 -7.79 9.91 -10.85
N HIS B 127 -6.56 9.43 -11.09
CA HIS B 127 -5.46 10.35 -11.35
C HIS B 127 -5.58 10.99 -12.73
N ASP B 128 -5.96 10.21 -13.74
CA ASP B 128 -6.05 10.73 -15.10
C ASP B 128 -7.15 11.78 -15.23
N LYS B 129 -8.14 11.78 -14.33
CA LYS B 129 -9.16 12.81 -14.33
C LYS B 129 -8.80 14.00 -13.44
N GLY B 130 -7.58 14.03 -12.91
CA GLY B 130 -7.15 15.15 -12.08
C GLY B 130 -7.86 15.25 -10.76
N LEU B 131 -8.38 14.14 -10.23
CA LEU B 131 -9.09 14.12 -8.96
C LEU B 131 -8.26 13.60 -7.80
N LEU B 132 -7.10 13.00 -8.07
CA LEU B 132 -6.28 12.39 -7.04
C LEU B 132 -5.27 13.42 -6.52
N LEU B 133 -5.29 13.66 -5.21
CA LEU B 133 -4.28 14.50 -4.58
C LEU B 133 -3.04 13.68 -4.23
N ARG B 134 -3.21 12.65 -3.40
CA ARG B 134 -2.15 11.69 -3.11
C ARG B 134 -2.78 10.31 -2.97
N LEU B 135 -1.93 9.29 -3.17
CA LEU B 135 -2.29 7.90 -2.90
C LEU B 135 -1.30 7.38 -1.86
N TYR B 136 -1.74 7.32 -0.60
CA TYR B 136 -0.93 6.76 0.47
C TYR B 136 -1.12 5.25 0.53
N THR B 137 -0.01 4.53 0.56
CA THR B 137 -0.05 3.07 0.48
C THR B 137 0.82 2.45 1.57
N GLN B 138 0.32 1.38 2.16
CA GLN B 138 1.10 0.53 3.05
C GLN B 138 1.83 -0.58 2.30
N ASN B 139 1.49 -0.80 1.04
CA ASN B 139 2.04 -1.93 0.30
C ASN B 139 3.43 -1.62 -0.22
N ILE B 140 4.18 -2.69 -0.46
CA ILE B 140 5.52 -2.63 -1.03
C ILE B 140 5.64 -3.38 -2.34
N ASP B 141 4.54 -3.92 -2.86
CA ASP B 141 4.54 -4.63 -4.13
C ASP B 141 4.75 -3.72 -5.33
N GLY B 142 4.82 -2.40 -5.12
CA GLY B 142 5.09 -1.47 -6.20
C GLY B 142 4.05 -1.43 -7.29
N LEU B 143 2.92 -2.09 -7.10
CA LEU B 143 1.88 -2.12 -8.12
C LEU B 143 1.24 -0.76 -8.34
N GLU B 144 1.34 0.15 -7.38
CA GLU B 144 0.77 1.49 -7.57
C GLU B 144 1.43 2.20 -8.74
N ARG B 145 2.75 2.09 -8.87
CA ARG B 145 3.45 2.72 -9.98
C ARG B 145 3.44 1.86 -11.24
N VAL B 146 3.29 0.54 -11.10
CA VAL B 146 3.13 -0.31 -12.28
C VAL B 146 1.86 0.03 -13.03
N SER B 147 0.83 0.48 -12.30
CA SER B 147 -0.45 0.80 -12.93
C SER B 147 -0.42 2.14 -13.65
N GLY B 148 0.58 2.97 -13.41
CA GLY B 148 0.76 4.22 -14.13
C GLY B 148 0.77 5.47 -13.27
N ILE B 149 0.45 5.38 -11.99
CA ILE B 149 0.46 6.59 -11.15
C ILE B 149 1.89 7.09 -11.00
N PRO B 150 2.19 8.36 -11.26
CA PRO B 150 3.56 8.85 -11.11
C PRO B 150 3.97 8.92 -9.65
N ALA B 151 5.29 8.93 -9.43
CA ALA B 151 5.84 8.95 -8.08
C ALA B 151 5.39 10.18 -7.30
N SER B 152 5.26 11.32 -8.00
CA SER B 152 4.90 12.55 -7.32
C SER B 152 3.53 12.46 -6.64
N LYS B 153 2.68 11.53 -7.08
CA LYS B 153 1.35 11.37 -6.50
C LYS B 153 1.27 10.21 -5.52
N LEU B 154 2.41 9.62 -5.14
CA LEU B 154 2.42 8.46 -4.27
C LEU B 154 3.28 8.75 -3.04
N VAL B 155 2.80 8.27 -1.89
CA VAL B 155 3.58 8.25 -0.66
C VAL B 155 3.65 6.79 -0.24
N GLU B 156 4.77 6.14 -0.51
CA GLU B 156 4.99 4.75 -0.12
C GLU B 156 5.40 4.73 1.34
N ALA B 157 4.40 4.75 2.21
CA ALA B 157 4.62 4.96 3.64
C ALA B 157 5.48 3.88 4.29
N HIS B 158 5.57 2.70 3.69
CA HIS B 158 6.29 1.59 4.29
C HIS B 158 7.46 1.13 3.42
N GLY B 159 8.02 2.04 2.65
CA GLY B 159 9.23 1.75 1.90
C GLY B 159 8.95 1.27 0.49
N THR B 160 10.03 0.84 -0.15
CA THR B 160 10.00 0.43 -1.55
C THR B 160 11.26 -0.35 -1.86
N PHE B 161 11.17 -1.21 -2.86
CA PHE B 161 12.34 -1.88 -3.42
C PHE B 161 13.08 -1.03 -4.43
N ALA B 162 12.64 0.21 -4.66
CA ALA B 162 13.30 1.06 -5.64
C ALA B 162 14.69 1.48 -5.17
N SER B 163 14.92 1.53 -3.86
CA SER B 163 16.19 1.92 -3.30
C SER B 163 16.63 0.90 -2.25
N ALA B 164 17.93 0.88 -1.97
CA ALA B 164 18.50 -0.04 -1.00
C ALA B 164 19.61 0.65 -0.24
N THR B 165 19.98 0.07 0.90
CA THR B 165 20.97 0.63 1.80
C THR B 165 21.77 -0.49 2.44
N CYS B 166 23.10 -0.31 2.48
CA CYS B 166 23.95 -1.27 3.16
C CYS B 166 23.80 -1.13 4.67
N THR B 167 23.50 -2.25 5.35
CA THR B 167 23.23 -2.23 6.77
C THR B 167 24.49 -2.03 7.62
N VAL B 168 25.68 -2.03 7.00
CA VAL B 168 26.95 -1.92 7.71
C VAL B 168 27.54 -0.52 7.57
N CYS B 169 27.77 -0.06 6.35
CA CYS B 169 28.34 1.26 6.10
C CYS B 169 27.30 2.29 5.66
N GLN B 170 26.03 1.90 5.58
CA GLN B 170 24.92 2.82 5.30
C GLN B 170 25.03 3.49 3.94
N ARG B 171 25.79 2.91 3.03
CA ARG B 171 25.85 3.46 1.68
C ARG B 171 24.57 3.13 0.93
N PRO B 172 23.90 4.12 0.33
CA PRO B 172 22.68 3.82 -0.44
C PRO B 172 23.00 3.39 -1.86
N PHE B 173 22.08 2.62 -2.42
CA PHE B 173 22.21 2.11 -3.78
C PHE B 173 20.84 2.16 -4.44
N PRO B 174 20.80 2.18 -5.78
CA PRO B 174 19.51 2.02 -6.45
C PRO B 174 19.01 0.60 -6.31
N GLY B 175 17.69 0.48 -6.12
CA GLY B 175 17.11 -0.81 -5.80
C GLY B 175 17.44 -1.90 -6.79
N GLU B 176 17.71 -1.55 -8.04
CA GLU B 176 17.95 -2.56 -9.06
C GLU B 176 19.36 -3.13 -9.03
N ASP B 177 20.29 -2.51 -8.31
CA ASP B 177 21.62 -3.07 -8.18
C ASP B 177 21.62 -4.42 -7.46
N ILE B 178 20.57 -4.71 -6.70
CA ILE B 178 20.46 -5.96 -5.95
C ILE B 178 19.42 -6.91 -6.53
N ARG B 179 18.76 -6.53 -7.62
CA ARG B 179 17.66 -7.36 -8.12
C ARG B 179 18.15 -8.75 -8.51
N ALA B 180 19.24 -8.81 -9.28
CA ALA B 180 19.75 -10.10 -9.73
C ALA B 180 20.07 -11.00 -8.54
N ASP B 181 20.69 -10.44 -7.49
CA ASP B 181 21.05 -11.23 -6.32
C ASP B 181 19.81 -11.84 -5.67
N VAL B 182 18.80 -11.01 -5.40
CA VAL B 182 17.58 -11.50 -4.78
C VAL B 182 16.95 -12.60 -5.62
N MET B 183 16.74 -12.33 -6.91
CA MET B 183 16.10 -13.29 -7.80
C MET B 183 16.93 -14.56 -7.97
N ALA B 184 18.24 -14.49 -7.72
CA ALA B 184 19.10 -15.66 -7.76
C ALA B 184 19.25 -16.32 -6.39
N ASP B 185 18.42 -15.94 -5.42
CA ASP B 185 18.42 -16.54 -4.08
C ASP B 185 19.77 -16.38 -3.38
N ARG B 186 20.57 -15.40 -3.76
CA ARG B 186 21.81 -15.09 -3.06
C ARG B 186 21.69 -13.72 -2.42
N VAL B 187 22.06 -13.63 -1.15
CA VAL B 187 21.96 -12.37 -0.39
C VAL B 187 22.77 -11.30 -1.10
N PRO B 188 22.23 -10.09 -1.32
CA PRO B 188 23.04 -9.04 -1.94
C PRO B 188 24.06 -8.49 -0.95
N ARG B 189 25.30 -8.37 -1.40
CA ARG B 189 26.40 -7.87 -0.59
C ARG B 189 26.85 -6.52 -1.10
N CYS B 190 27.37 -5.70 -0.19
CA CYS B 190 27.76 -4.34 -0.53
C CYS B 190 29.10 -4.36 -1.28
N PRO B 191 29.21 -3.67 -2.43
CA PRO B 191 30.50 -3.67 -3.15
C PRO B 191 31.61 -2.97 -2.38
N VAL B 192 31.29 -2.17 -1.37
CA VAL B 192 32.31 -1.44 -0.62
C VAL B 192 32.77 -2.22 0.60
N CYS B 193 31.85 -2.64 1.47
CA CYS B 193 32.20 -3.36 2.69
C CYS B 193 31.68 -4.79 2.75
N THR B 194 31.00 -5.26 1.70
CA THR B 194 30.42 -6.60 1.63
C THR B 194 29.31 -6.82 2.65
N GLY B 195 28.89 -5.77 3.37
CA GLY B 195 27.74 -5.90 4.24
C GLY B 195 26.48 -6.25 3.48
N VAL B 196 25.48 -6.70 4.23
CA VAL B 196 24.19 -7.05 3.62
C VAL B 196 23.49 -5.78 3.17
N VAL B 197 23.08 -5.75 1.91
CA VAL B 197 22.33 -4.64 1.36
C VAL B 197 20.85 -4.91 1.58
N LYS B 198 20.16 -3.97 2.24
CA LYS B 198 18.77 -4.14 2.59
C LYS B 198 17.90 -3.18 1.77
N PRO B 199 16.92 -3.68 1.02
CA PRO B 199 15.98 -2.76 0.35
C PRO B 199 15.36 -1.79 1.36
N ASP B 200 15.11 -0.57 0.91
CA ASP B 200 14.55 0.46 1.78
C ASP B 200 13.11 0.15 2.16
N ILE B 201 12.89 -1.00 2.80
CA ILE B 201 11.59 -1.37 3.35
C ILE B 201 11.59 -0.99 4.82
N VAL B 202 10.53 -0.31 5.26
CA VAL B 202 10.40 0.05 6.66
C VAL B 202 10.09 -1.21 7.47
N PHE B 203 10.99 -1.56 8.38
CA PHE B 203 10.73 -2.61 9.34
C PHE B 203 10.03 -2.03 10.58
N PHE B 204 9.47 -2.92 11.39
CA PHE B 204 8.87 -2.50 12.65
C PHE B 204 9.95 -1.99 13.59
N GLY B 205 9.70 -0.84 14.22
CA GLY B 205 10.69 -0.18 15.02
C GLY B 205 11.59 0.77 14.26
N GLU B 206 11.34 0.97 12.96
CA GLU B 206 12.10 1.91 12.14
C GLU B 206 11.26 3.14 11.84
N PRO B 207 11.87 4.32 11.72
CA PRO B 207 11.11 5.50 11.32
C PRO B 207 10.65 5.41 9.88
N LEU B 208 9.48 5.98 9.62
CA LEU B 208 8.96 6.01 8.26
C LEU B 208 9.71 7.05 7.44
N PRO B 209 9.69 6.91 6.11
CA PRO B 209 10.40 7.89 5.28
C PRO B 209 9.81 9.29 5.45
N GLN B 210 10.69 10.29 5.47
CA GLN B 210 10.26 11.65 5.72
C GLN B 210 9.24 12.14 4.70
N ARG B 211 9.17 11.52 3.52
CA ARG B 211 8.13 11.85 2.57
C ARG B 211 6.75 11.54 3.11
N PHE B 212 6.65 10.68 4.12
CA PHE B 212 5.38 10.43 4.80
C PHE B 212 4.82 11.69 5.44
N LEU B 213 5.65 12.72 5.64
CA LEU B 213 5.21 13.94 6.31
C LEU B 213 4.33 14.82 5.43
N LEU B 214 4.18 14.48 4.15
CA LEU B 214 3.29 15.25 3.29
C LEU B 214 1.83 15.15 3.73
N HIS B 215 1.50 14.17 4.57
CA HIS B 215 0.12 14.06 5.06
C HIS B 215 -0.27 15.24 5.90
N VAL B 216 0.70 15.95 6.49
CA VAL B 216 0.39 17.11 7.32
C VAL B 216 -0.29 18.20 6.48
N VAL B 217 -0.03 18.22 5.17
CA VAL B 217 -0.60 19.22 4.29
C VAL B 217 -1.69 18.60 3.43
N ASP B 218 -1.55 17.32 3.11
CA ASP B 218 -2.42 16.72 2.10
C ASP B 218 -3.81 16.42 2.61
N PHE B 219 -3.94 15.95 3.84
CA PHE B 219 -5.24 15.52 4.33
C PHE B 219 -6.13 16.72 4.66
N PRO B 220 -5.61 17.75 5.33
CA PRO B 220 -6.42 18.97 5.47
C PRO B 220 -6.86 19.55 4.12
N MET B 221 -5.98 19.50 3.11
CA MET B 221 -6.33 19.98 1.78
C MET B 221 -7.37 19.10 1.11
N ALA B 222 -7.59 17.90 1.60
CA ALA B 222 -8.49 16.96 0.95
C ALA B 222 -9.95 17.33 1.23
N ASP B 223 -10.80 17.13 0.22
CA ASP B 223 -12.24 17.21 0.39
C ASP B 223 -12.89 15.83 0.34
N LEU B 224 -12.10 14.77 0.18
CA LEU B 224 -12.63 13.41 0.21
C LEU B 224 -11.49 12.46 0.60
N LEU B 225 -11.83 11.47 1.41
CA LEU B 225 -10.90 10.42 1.81
C LEU B 225 -11.46 9.08 1.37
N LEU B 226 -10.63 8.26 0.74
CA LEU B 226 -10.98 6.90 0.37
C LEU B 226 -10.05 5.94 1.12
N ILE B 227 -10.64 4.95 1.78
CA ILE B 227 -9.90 3.91 2.48
C ILE B 227 -10.21 2.60 1.78
N LEU B 228 -9.19 1.95 1.23
CA LEU B 228 -9.34 0.76 0.42
C LEU B 228 -8.49 -0.37 0.99
N GLY B 229 -9.14 -1.49 1.31
CA GLY B 229 -8.45 -2.73 1.63
C GLY B 229 -7.37 -2.61 2.69
N THR B 230 -7.75 -2.21 3.90
CA THR B 230 -6.81 -2.21 5.02
C THR B 230 -7.60 -2.36 6.31
N SER B 231 -7.02 -3.11 7.25
CA SER B 231 -7.61 -3.27 8.57
C SER B 231 -7.15 -2.20 9.56
N LEU B 232 -6.33 -1.25 9.12
CA LEU B 232 -5.89 -0.12 9.94
C LEU B 232 -5.33 -0.62 11.29
N GLU B 233 -4.33 -1.48 11.18
CA GLU B 233 -3.66 -2.04 12.35
C GLU B 233 -2.20 -1.62 12.46
N VAL B 234 -1.70 -0.77 11.57
CA VAL B 234 -0.29 -0.39 11.51
C VAL B 234 -0.20 1.12 11.74
N GLU B 235 0.40 1.51 12.86
CA GLU B 235 0.63 2.91 13.15
C GLU B 235 1.99 3.34 12.61
N PRO B 236 2.15 4.64 12.31
CA PRO B 236 1.17 5.72 12.44
C PRO B 236 0.27 5.89 11.22
N PHE B 237 0.29 4.90 10.32
CA PHE B 237 -0.49 5.01 9.08
C PHE B 237 -1.98 5.03 9.37
N ALA B 238 -2.43 4.23 10.34
CA ALA B 238 -3.86 4.12 10.61
C ALA B 238 -4.43 5.43 11.14
N SER B 239 -3.66 6.16 11.94
CA SER B 239 -4.13 7.43 12.47
C SER B 239 -4.44 8.45 11.38
N LEU B 240 -3.91 8.23 10.17
CA LEU B 240 -4.18 9.14 9.06
C LEU B 240 -5.67 9.34 8.81
N THR B 241 -6.50 8.38 9.21
CA THR B 241 -7.94 8.54 9.02
C THR B 241 -8.48 9.74 9.79
N GLU B 242 -7.76 10.22 10.80
CA GLU B 242 -8.21 11.34 11.61
C GLU B 242 -7.83 12.70 11.05
N ALA B 243 -6.92 12.74 10.06
CA ALA B 243 -6.31 14.00 9.69
C ALA B 243 -7.18 14.86 8.77
N VAL B 244 -8.17 14.28 8.11
CA VAL B 244 -9.04 15.07 7.24
C VAL B 244 -9.98 15.92 8.11
N ARG B 245 -10.34 17.08 7.59
CA ARG B 245 -11.17 18.02 8.34
C ARG B 245 -12.52 17.41 8.65
N SER B 246 -13.18 17.97 9.67
CA SER B 246 -14.37 17.35 10.26
C SER B 246 -15.55 17.29 9.30
N SER B 247 -15.50 17.99 8.17
CA SER B 247 -16.60 18.00 7.21
C SER B 247 -16.30 17.16 5.97
N VAL B 248 -15.25 16.37 5.98
CA VAL B 248 -14.79 15.65 4.80
C VAL B 248 -15.36 14.24 4.84
N PRO B 249 -16.05 13.78 3.79
CA PRO B 249 -16.50 12.38 3.78
C PRO B 249 -15.33 11.41 3.83
N ARG B 250 -15.52 10.34 4.61
CA ARG B 250 -14.57 9.25 4.69
C ARG B 250 -15.28 8.00 4.20
N LEU B 251 -14.85 7.50 3.04
CA LEU B 251 -15.48 6.34 2.43
C LEU B 251 -14.56 5.12 2.61
N LEU B 252 -15.10 4.06 3.20
CA LEU B 252 -14.35 2.84 3.48
C LEU B 252 -14.90 1.71 2.61
N ILE B 253 -14.07 1.21 1.72
CA ILE B 253 -14.38 0.03 0.91
C ILE B 253 -13.48 -1.08 1.45
N ASN B 254 -14.07 -1.97 2.25
CA ASN B 254 -13.27 -2.93 3.01
C ASN B 254 -14.16 -4.09 3.42
N ARG B 255 -13.51 -5.20 3.78
CA ARG B 255 -14.25 -6.37 4.27
C ARG B 255 -14.90 -6.08 5.61
N ASP B 256 -14.18 -5.39 6.50
CA ASP B 256 -14.63 -5.15 7.86
C ASP B 256 -14.72 -3.65 8.12
N LEU B 257 -15.55 -3.30 9.11
CA LEU B 257 -15.61 -1.94 9.63
C LEU B 257 -14.50 -1.81 10.67
N VAL B 258 -13.44 -1.07 10.34
CA VAL B 258 -12.21 -1.08 11.10
C VAL B 258 -11.81 0.33 11.49
N GLY B 259 -10.96 0.42 12.51
CA GLY B 259 -10.32 1.66 12.87
C GLY B 259 -11.27 2.72 13.37
N PRO B 260 -10.86 3.99 13.27
CA PRO B 260 -11.73 5.07 13.74
C PRO B 260 -13.10 5.09 13.07
N LEU B 261 -13.21 4.65 11.82
CA LEU B 261 -14.54 4.59 11.21
C LEU B 261 -15.45 3.59 11.90
N ALA B 262 -14.89 2.76 12.79
CA ALA B 262 -15.67 1.84 13.61
C ALA B 262 -15.89 2.35 15.03
N TRP B 263 -14.82 2.78 15.71
CA TRP B 263 -14.90 3.19 17.10
C TRP B 263 -14.74 4.69 17.30
N HIS B 264 -14.65 5.47 16.22
CA HIS B 264 -14.66 6.92 16.33
C HIS B 264 -15.39 7.51 15.13
N PRO B 265 -16.64 7.10 14.89
CA PRO B 265 -17.30 7.48 13.64
C PRO B 265 -17.56 8.98 13.55
N ARG B 266 -17.73 9.43 12.30
CA ARG B 266 -18.12 10.79 12.00
C ARG B 266 -19.38 10.77 11.13
N SER B 267 -20.25 11.76 11.34
CA SER B 267 -21.56 11.76 10.69
C SER B 267 -21.46 11.67 9.18
N ARG B 268 -20.32 12.03 8.59
CA ARG B 268 -20.16 12.04 7.14
C ARG B 268 -19.47 10.78 6.62
N ASP B 269 -19.29 9.76 7.47
CA ASP B 269 -18.61 8.55 7.07
C ASP B 269 -19.53 7.64 6.25
N VAL B 270 -18.92 6.84 5.38
CA VAL B 270 -19.62 5.85 4.58
C VAL B 270 -18.78 4.59 4.54
N ALA B 271 -19.45 3.43 4.55
CA ALA B 271 -18.76 2.15 4.60
C ALA B 271 -19.42 1.21 3.60
N GLN B 272 -18.74 0.93 2.51
CA GLN B 272 -19.19 -0.09 1.55
C GLN B 272 -18.52 -1.41 1.95
N LEU B 273 -19.12 -2.08 2.92
CA LEU B 273 -18.54 -3.29 3.47
C LEU B 273 -18.81 -4.48 2.54
N GLY B 274 -17.78 -5.29 2.36
CA GLY B 274 -17.83 -6.42 1.46
C GLY B 274 -16.52 -6.64 0.74
N ASP B 275 -16.57 -7.25 -0.44
CA ASP B 275 -15.37 -7.51 -1.21
C ASP B 275 -14.85 -6.21 -1.81
N VAL B 276 -13.55 -5.95 -1.63
CA VAL B 276 -12.98 -4.68 -2.08
C VAL B 276 -13.18 -4.50 -3.57
N VAL B 277 -12.92 -5.55 -4.35
CA VAL B 277 -13.11 -5.48 -5.79
C VAL B 277 -14.56 -5.19 -6.13
N HIS B 278 -15.48 -5.93 -5.49
CA HIS B 278 -16.89 -5.68 -5.70
C HIS B 278 -17.29 -4.28 -5.26
N GLY B 279 -16.67 -3.80 -4.17
CA GLY B 279 -16.99 -2.45 -3.70
C GLY B 279 -16.50 -1.38 -4.65
N VAL B 280 -15.31 -1.55 -5.20
CA VAL B 280 -14.80 -0.60 -6.19
C VAL B 280 -15.61 -0.69 -7.48
N GLU B 281 -15.95 -1.92 -7.90
CA GLU B 281 -16.83 -2.08 -9.06
C GLU B 281 -18.14 -1.31 -8.86
N SER B 282 -18.71 -1.39 -7.65
CA SER B 282 -19.94 -0.67 -7.37
C SER B 282 -19.74 0.84 -7.56
N LEU B 283 -18.73 1.40 -6.91
CA LEU B 283 -18.49 2.84 -7.03
C LEU B 283 -18.24 3.23 -8.48
N VAL B 284 -17.40 2.46 -9.18
CA VAL B 284 -17.20 2.69 -10.61
C VAL B 284 -18.53 2.67 -11.34
N GLU B 285 -19.40 1.72 -10.98
CA GLU B 285 -20.70 1.63 -11.63
C GLU B 285 -21.52 2.89 -11.37
N LEU B 286 -21.50 3.38 -10.13
CA LEU B 286 -22.27 4.57 -9.78
C LEU B 286 -21.68 5.85 -10.38
N LEU B 287 -20.38 5.85 -10.70
CA LEU B 287 -19.76 7.00 -11.34
C LEU B 287 -19.92 7.00 -12.85
N GLY B 288 -20.50 5.93 -13.42
CA GLY B 288 -20.60 5.84 -14.86
C GLY B 288 -19.28 5.69 -15.58
N TRP B 289 -18.24 5.25 -14.88
CA TRP B 289 -16.91 5.09 -15.46
C TRP B 289 -16.67 3.69 -16.01
N THR B 290 -17.67 2.81 -15.99
CA THR B 290 -17.46 1.43 -16.39
C THR B 290 -16.79 1.35 -17.76
N GLU B 291 -17.36 2.04 -18.76
CA GLU B 291 -16.81 1.98 -20.10
C GLU B 291 -15.35 2.39 -20.12
N GLU B 292 -15.00 3.44 -19.38
CA GLU B 292 -13.61 3.92 -19.38
C GLU B 292 -12.69 2.99 -18.60
N MET B 293 -13.19 2.34 -17.55
CA MET B 293 -12.39 1.36 -16.83
C MET B 293 -12.06 0.18 -17.73
N ARG B 294 -13.07 -0.36 -18.43
CA ARG B 294 -12.83 -1.45 -19.37
C ARG B 294 -11.70 -1.10 -20.32
N ASP B 295 -11.76 0.07 -20.94
CA ASP B 295 -10.77 0.46 -21.93
C ASP B 295 -9.39 0.64 -21.30
N LEU B 296 -9.34 1.30 -20.14
CA LEU B 296 -8.05 1.55 -19.49
C LEU B 296 -7.37 0.24 -19.11
N VAL B 297 -8.12 -0.71 -18.55
CA VAL B 297 -7.53 -1.98 -18.14
C VAL B 297 -7.04 -2.75 -19.36
N GLN B 298 -7.75 -2.65 -20.48
CA GLN B 298 -7.35 -3.36 -21.69
C GLN B 298 -6.10 -2.71 -22.29
N ARG B 299 -6.00 -1.38 -22.21
CA ARG B 299 -4.83 -0.69 -22.75
C ARG B 299 -3.59 -0.94 -21.89
N GLU B 300 -3.76 -1.15 -20.59
CA GLU B 300 -2.63 -1.34 -19.69
C GLU B 300 -2.14 -2.78 -19.63
N THR B 301 -3.04 -3.76 -19.82
CA THR B 301 -2.63 -5.15 -19.79
C THR B 301 -1.98 -5.58 -21.11
N GLY B 302 -2.31 -4.91 -22.21
CA GLY B 302 -1.75 -5.27 -23.50
C GLY B 302 -0.29 -4.91 -23.66
N LYS B 303 0.21 -3.96 -22.87
CA LYS B 303 1.61 -3.54 -22.97
C LYS B 303 2.54 -4.69 -22.61
N LEU B 304 2.98 -5.44 -23.62
CA LEU B 304 3.75 -6.67 -23.43
C LEU B 304 3.22 -7.48 -22.25
#